data_3H9Y
#
_entry.id   3H9Y
#
_cell.length_a   153.676
_cell.length_b   104.994
_cell.length_c   49.222
_cell.angle_alpha   90.00
_cell.angle_beta   101.61
_cell.angle_gamma   90.00
#
_symmetry.space_group_name_H-M   'C 1 2 1'
#
loop_
_entity.id
_entity.type
_entity.pdbx_description
1 polymer 'Ig epsilon chain C region'
2 branched alpha-D-mannopyranose-(1-6)-alpha-D-mannopyranose-(1-6)-[alpha-D-mannopyranose-(1-3)]beta-D-mannopyranose-(1-4)-2-acetamido-2-deoxy-beta-D-glucopyranose-(1-4)-2-acetamido-2-deoxy-beta-D-glucopyranose
3 branched alpha-D-mannopyranose-(1-3)-[alpha-D-mannopyranose-(1-6)]beta-D-mannopyranose-(1-4)-2-acetamido-2-deoxy-beta-D-glucopyranose-(1-4)-2-acetamido-2-deoxy-beta-D-glucopyranose
4 non-polymer 'AMMONIUM ION'
5 water water
#
_entity_poly.entity_id   1
_entity_poly.type   'polypeptide(L)'
_entity_poly.pdbx_seq_one_letter_code
;ADPCADSNPRGVSAYLSRPSPFDLFIRKSPTITCLVVDLAPSKGTVQLTWSRASGKPVQHSTRKEEKQRNGTLTVTSTLP
VGTRDWIEGETYQCRVTHPHLPRALMRSTTKTSGPRAAPEVYAFATPEWPGSRDKRTLACLIQNFMPEDISVQWLHNEVQ
LPDARHSTTQPRKTKGSGFFVFSRLEVTRAEWEQKDEFICRAVHEAASPSQTVQRAVSVNPGK
;
_entity_poly.pdbx_strand_id   A,B,E
#
# COMPACT_ATOMS: atom_id res chain seq x y z
N VAL A 12 -4.88 -28.70 25.03
CA VAL A 12 -5.36 -28.23 23.69
C VAL A 12 -5.82 -26.77 23.71
N SER A 13 -5.00 -25.90 23.13
CA SER A 13 -5.30 -24.47 23.08
C SER A 13 -5.53 -23.99 21.64
N ALA A 14 -6.32 -22.94 21.49
CA ALA A 14 -6.62 -22.41 20.16
C ALA A 14 -6.47 -20.89 20.18
N TYR A 15 -5.91 -20.37 19.09
CA TYR A 15 -5.68 -18.93 18.92
C TYR A 15 -6.13 -18.47 17.53
N LEU A 16 -6.45 -17.19 17.41
CA LEU A 16 -6.93 -16.64 16.15
C LEU A 16 -6.50 -15.18 16.03
N SER A 17 -5.57 -14.96 15.11
CA SER A 17 -4.88 -13.68 14.97
C SER A 17 -5.57 -12.75 13.98
N ARG A 18 -5.17 -11.48 13.99
CA ARG A 18 -5.65 -10.49 13.03
C ARG A 18 -4.65 -10.35 11.87
N PRO A 19 -5.09 -9.78 10.73
CA PRO A 19 -4.16 -9.57 9.63
C PRO A 19 -3.03 -8.63 10.02
N SER A 20 -1.87 -8.82 9.40
CA SER A 20 -0.79 -7.88 9.58
C SER A 20 -1.13 -6.63 8.77
N PRO A 21 -0.79 -5.43 9.31
CA PRO A 21 -0.88 -4.17 8.57
C PRO A 21 -0.17 -4.15 7.22
N PHE A 22 0.94 -4.88 7.10
CA PHE A 22 1.60 -5.00 5.81
C PHE A 22 0.71 -5.71 4.77
N ASP A 23 0.20 -6.87 5.14
CA ASP A 23 -0.70 -7.62 4.27
C ASP A 23 -1.97 -6.85 3.96
N LEU A 24 -2.53 -6.20 4.99
CA LEU A 24 -3.82 -5.55 4.84
C LEU A 24 -3.73 -4.30 3.96
N PHE A 25 -2.70 -3.49 4.17
CA PHE A 25 -2.60 -2.16 3.54
C PHE A 25 -1.68 -2.10 2.34
N ILE A 26 -0.50 -2.70 2.44
CA ILE A 26 0.46 -2.66 1.34
C ILE A 26 0.16 -3.72 0.28
N ARG A 27 0.13 -4.98 0.68
CA ARG A 27 -0.23 -6.07 -0.21
C ARG A 27 -1.70 -6.04 -0.64
N LYS A 28 -2.57 -5.57 0.26
CA LYS A 28 -4.02 -5.60 0.08
C LYS A 28 -4.48 -7.03 -0.18
N SER A 29 -3.93 -7.96 0.58
CA SER A 29 -4.37 -9.34 0.58
C SER A 29 -4.19 -9.86 1.99
N PRO A 30 -5.05 -9.40 2.91
CA PRO A 30 -5.05 -9.85 4.28
C PRO A 30 -5.58 -11.26 4.51
N THR A 31 -5.04 -11.91 5.53
CA THR A 31 -5.44 -13.25 5.90
C THR A 31 -5.52 -13.31 7.43
N ILE A 32 -6.25 -14.30 7.93
CA ILE A 32 -6.21 -14.62 9.35
C ILE A 32 -5.87 -16.10 9.52
N THR A 33 -5.31 -16.45 10.67
CA THR A 33 -4.81 -17.81 10.92
C THR A 33 -5.39 -18.31 12.24
N CYS A 34 -6.13 -19.41 12.15
CA CYS A 34 -6.57 -20.14 13.32
C CYS A 34 -5.50 -21.16 13.71
N LEU A 35 -4.86 -20.92 14.84
CA LEU A 35 -3.79 -21.80 15.34
C LEU A 35 -4.25 -22.61 16.55
N VAL A 36 -4.17 -23.93 16.43
CA VAL A 36 -4.53 -24.81 17.54
C VAL A 36 -3.32 -25.67 17.96
N VAL A 37 -2.82 -25.41 19.16
CA VAL A 37 -1.69 -26.15 19.71
C VAL A 37 -2.20 -27.29 20.60
N ASP A 38 -2.09 -28.52 20.11
CA ASP A 38 -2.60 -29.68 20.84
C ASP A 38 -1.62 -30.14 21.90
N LEU A 39 -2.11 -30.90 22.87
CA LEU A 39 -1.26 -31.49 23.89
C LEU A 39 -1.65 -32.95 24.13
N ALA A 40 -2.09 -33.62 23.07
CA ALA A 40 -2.47 -35.03 23.15
C ALA A 40 -2.90 -35.55 21.78
N PRO A 41 -1.94 -35.71 20.84
CA PRO A 41 -2.26 -36.14 19.49
C PRO A 41 -2.66 -37.62 19.39
N SER A 42 -3.64 -37.90 18.54
CA SER A 42 -4.10 -39.28 18.28
C SER A 42 -4.62 -39.31 16.84
N LYS A 43 -5.55 -40.22 16.54
CA LYS A 43 -6.22 -40.19 15.24
C LYS A 43 -6.90 -38.84 15.07
N GLY A 44 -6.14 -37.87 14.57
CA GLY A 44 -6.57 -36.48 14.53
C GLY A 44 -7.32 -36.04 13.29
N THR A 45 -8.63 -36.28 13.29
CA THR A 45 -9.49 -35.74 12.24
C THR A 45 -10.00 -34.34 12.66
N VAL A 46 -9.14 -33.60 13.36
CA VAL A 46 -9.49 -32.28 13.88
C VAL A 46 -9.90 -31.32 12.77
N GLN A 47 -11.05 -30.67 12.96
CA GLN A 47 -11.60 -29.81 11.92
C GLN A 47 -11.62 -28.36 12.40
N LEU A 48 -11.15 -27.46 11.55
CA LEU A 48 -11.22 -26.02 11.80
C LEU A 48 -12.25 -25.44 10.83
N THR A 49 -13.41 -25.07 11.35
CA THR A 49 -14.49 -24.54 10.54
C THR A 49 -14.47 -23.01 10.61
N TRP A 50 -14.61 -22.38 9.45
CA TRP A 50 -14.65 -20.92 9.35
C TRP A 50 -16.08 -20.44 9.12
N SER A 51 -16.40 -19.30 9.73
CA SER A 51 -17.66 -18.60 9.50
C SER A 51 -17.50 -17.11 9.82
N ARG A 52 -18.48 -16.34 9.35
CA ARG A 52 -18.58 -14.93 9.63
C ARG A 52 -19.81 -14.68 10.49
N ALA A 53 -19.74 -13.64 11.31
CA ALA A 53 -20.83 -13.23 12.19
C ALA A 53 -22.04 -12.83 11.38
N SER A 54 -21.78 -12.24 10.22
CA SER A 54 -22.81 -11.82 9.29
C SER A 54 -23.52 -12.97 8.56
N GLY A 55 -22.86 -14.12 8.46
CA GLY A 55 -23.35 -15.27 7.74
C GLY A 55 -22.94 -15.27 6.27
N LYS A 56 -22.15 -14.28 5.87
CA LYS A 56 -21.74 -14.17 4.49
C LYS A 56 -20.67 -15.19 4.20
N PRO A 57 -20.50 -15.55 2.91
CA PRO A 57 -19.62 -16.66 2.52
C PRO A 57 -18.16 -16.38 2.86
N VAL A 58 -17.47 -17.42 3.30
CA VAL A 58 -16.04 -17.34 3.52
C VAL A 58 -15.34 -17.90 2.30
N GLN A 59 -14.11 -17.44 2.07
CA GLN A 59 -13.34 -17.95 0.96
C GLN A 59 -12.78 -19.31 1.34
N HIS A 60 -12.26 -20.01 0.33
CA HIS A 60 -11.57 -21.28 0.55
C HIS A 60 -10.32 -21.05 1.41
N SER A 61 -10.19 -21.82 2.49
CA SER A 61 -9.07 -21.69 3.41
C SER A 61 -8.01 -22.76 3.20
N THR A 62 -6.87 -22.55 3.83
CA THR A 62 -5.70 -23.42 3.67
C THR A 62 -5.31 -24.06 4.99
N ARG A 63 -5.50 -25.37 5.08
CA ARG A 63 -5.12 -26.13 6.26
C ARG A 63 -3.67 -26.60 6.17
N LYS A 64 -2.99 -26.56 7.32
CA LYS A 64 -1.58 -26.91 7.38
C LYS A 64 -1.30 -27.55 8.73
N GLU A 65 -0.62 -28.68 8.73
CA GLU A 65 -0.25 -29.34 9.98
C GLU A 65 1.25 -29.65 10.01
N GLU A 66 1.89 -29.38 11.14
CA GLU A 66 3.32 -29.60 11.32
C GLU A 66 3.58 -30.30 12.64
N LYS A 67 4.05 -31.54 12.57
CA LYS A 67 4.42 -32.28 13.77
C LYS A 67 5.65 -31.63 14.42
N GLN A 68 5.53 -31.30 15.70
CA GLN A 68 6.57 -30.60 16.44
C GLN A 68 7.53 -31.58 17.10
N ARG A 69 8.72 -31.09 17.44
CA ARG A 69 9.77 -31.94 18.01
C ARG A 69 9.38 -32.55 19.35
N ASN A 70 8.55 -31.84 20.11
CA ASN A 70 8.15 -32.29 21.45
C ASN A 70 7.00 -33.30 21.45
N GLY A 71 6.93 -34.13 20.42
CA GLY A 71 5.90 -35.16 20.30
C GLY A 71 4.48 -34.61 20.35
N THR A 72 4.21 -33.61 19.51
CA THR A 72 2.91 -32.93 19.52
C THR A 72 2.55 -32.38 18.14
N LEU A 73 1.25 -32.32 17.86
CA LEU A 73 0.76 -31.86 16.57
C LEU A 73 0.26 -30.41 16.64
N THR A 74 0.72 -29.58 15.70
CA THR A 74 0.23 -28.21 15.56
C THR A 74 -0.51 -28.08 14.23
N VAL A 75 -1.74 -27.60 14.29
CA VAL A 75 -2.57 -27.43 13.09
C VAL A 75 -3.06 -25.99 12.93
N THR A 76 -2.85 -25.44 11.74
CA THR A 76 -3.23 -24.08 11.42
C THR A 76 -4.14 -24.08 10.19
N SER A 77 -5.09 -23.14 10.16
CA SER A 77 -5.86 -22.89 8.97
C SER A 77 -5.82 -21.40 8.69
N THR A 78 -5.51 -21.03 7.45
CA THR A 78 -5.40 -19.64 7.04
C THR A 78 -6.50 -19.27 6.07
N LEU A 79 -7.21 -18.21 6.42
CA LEU A 79 -8.34 -17.75 5.63
C LEU A 79 -8.03 -16.38 5.02
N PRO A 80 -8.07 -16.28 3.68
CA PRO A 80 -8.07 -14.97 3.06
C PRO A 80 -9.34 -14.18 3.39
N VAL A 81 -9.17 -12.93 3.79
CA VAL A 81 -10.29 -12.06 4.11
C VAL A 81 -10.31 -10.86 3.15
N GLY A 82 -11.49 -10.30 2.97
CA GLY A 82 -11.66 -9.12 2.13
C GLY A 82 -11.10 -7.91 2.86
N THR A 83 -10.40 -7.06 2.14
CA THR A 83 -9.73 -5.91 2.75
C THR A 83 -10.79 -4.95 3.28
N ARG A 84 -11.80 -4.74 2.45
CA ARG A 84 -12.90 -3.86 2.78
C ARG A 84 -13.80 -4.48 3.86
N ASP A 85 -14.01 -5.78 3.77
CA ASP A 85 -14.73 -6.50 4.80
C ASP A 85 -14.06 -6.39 6.18
N TRP A 86 -12.75 -6.56 6.24
CA TRP A 86 -12.05 -6.42 7.51
C TRP A 86 -12.15 -5.00 8.09
N ILE A 87 -11.87 -4.01 7.26
CA ILE A 87 -11.82 -2.59 7.67
C ILE A 87 -13.18 -2.10 8.16
N GLU A 88 -14.25 -2.56 7.51
CA GLU A 88 -15.60 -2.17 7.87
C GLU A 88 -16.13 -2.82 9.14
N GLY A 89 -15.50 -3.89 9.61
CA GLY A 89 -15.73 -4.38 10.96
C GLY A 89 -16.31 -5.77 11.05
N GLU A 90 -15.99 -6.63 10.08
CA GLU A 90 -16.53 -7.99 10.09
C GLU A 90 -15.86 -8.81 11.18
N THR A 91 -16.59 -9.73 11.80
CA THR A 91 -15.96 -10.66 12.74
C THR A 91 -15.91 -12.08 12.15
N TYR A 92 -14.74 -12.68 12.19
CA TYR A 92 -14.52 -14.01 11.65
C TYR A 92 -14.41 -15.01 12.80
N GLN A 93 -14.86 -16.23 12.57
CA GLN A 93 -14.95 -17.19 13.65
C GLN A 93 -14.33 -18.50 13.20
N CYS A 94 -13.45 -19.03 14.05
CA CYS A 94 -12.89 -20.35 13.90
C CYS A 94 -13.45 -21.30 14.95
N ARG A 95 -14.05 -22.40 14.48
CA ARG A 95 -14.56 -23.44 15.38
C ARG A 95 -13.67 -24.67 15.30
N VAL A 96 -13.23 -25.14 16.46
CA VAL A 96 -12.37 -26.32 16.55
C VAL A 96 -13.14 -27.50 17.14
N THR A 97 -13.25 -28.57 16.34
CA THR A 97 -13.92 -29.79 16.76
C THR A 97 -12.89 -30.91 16.92
N HIS A 98 -12.87 -31.51 18.11
CA HIS A 98 -11.91 -32.57 18.41
C HIS A 98 -12.67 -33.81 18.89
N PRO A 99 -12.21 -35.01 18.48
CA PRO A 99 -12.83 -36.26 18.91
C PRO A 99 -12.78 -36.48 20.41
N HIS A 100 -11.59 -36.37 21.00
CA HIS A 100 -11.41 -36.57 22.43
C HIS A 100 -12.19 -35.55 23.26
N LEU A 101 -11.97 -34.27 22.98
CA LEU A 101 -12.62 -33.19 23.74
C LEU A 101 -14.13 -33.19 23.54
N PRO A 102 -14.89 -32.62 24.50
CA PRO A 102 -16.35 -32.58 24.43
C PRO A 102 -16.93 -31.76 23.28
N ARG A 103 -16.31 -31.85 22.10
CA ARG A 103 -16.79 -31.23 20.87
C ARG A 103 -17.41 -29.83 21.07
N ALA A 104 -16.56 -28.82 21.25
CA ALA A 104 -17.02 -27.44 21.41
C ALA A 104 -15.87 -26.50 21.77
N LEU A 105 -15.38 -25.75 20.80
CA LEU A 105 -14.32 -24.76 21.05
C LEU A 105 -14.30 -23.67 19.98
N MET A 106 -14.43 -22.40 20.39
CA MET A 106 -14.61 -21.31 19.43
C MET A 106 -13.69 -20.11 19.65
N ARG A 107 -13.11 -19.61 18.56
CA ARG A 107 -12.27 -18.41 18.62
C ARG A 107 -12.78 -17.39 17.60
N SER A 108 -12.76 -16.12 17.96
CA SER A 108 -13.21 -15.10 17.01
C SER A 108 -12.27 -13.89 16.92
N THR A 109 -12.30 -13.23 15.76
CA THR A 109 -11.46 -12.07 15.56
C THR A 109 -12.13 -10.97 14.72
N THR A 110 -11.74 -9.74 15.01
CA THR A 110 -12.25 -8.57 14.31
C THR A 110 -11.27 -7.45 14.59
N LYS A 111 -11.34 -6.40 13.77
CA LYS A 111 -10.46 -5.26 13.91
C LYS A 111 -10.66 -4.60 15.26
N THR A 112 -9.57 -4.14 15.85
CA THR A 112 -9.65 -3.52 17.18
C THR A 112 -10.36 -2.19 17.04
N SER A 113 -11.05 -1.80 18.10
CA SER A 113 -11.75 -0.54 18.12
C SER A 113 -10.95 0.44 18.97
N GLY A 114 -11.34 1.71 18.93
CA GLY A 114 -10.75 2.70 19.82
C GLY A 114 -10.12 3.84 19.05
N PRO A 115 -9.51 4.78 19.78
CA PRO A 115 -8.81 5.87 19.10
C PRO A 115 -7.69 5.34 18.19
N ARG A 116 -7.35 6.11 17.16
CA ARG A 116 -6.24 5.83 16.28
C ARG A 116 -5.14 6.85 16.59
N ALA A 117 -3.87 6.42 16.49
CA ALA A 117 -2.74 7.35 16.63
C ALA A 117 -1.56 6.85 15.82
N ALA A 118 -0.89 7.75 15.10
CA ALA A 118 0.21 7.39 14.22
C ALA A 118 1.49 7.15 15.03
N PRO A 119 2.29 6.17 14.57
CA PRO A 119 3.55 5.86 15.24
C PRO A 119 4.64 6.90 15.03
N GLU A 120 5.39 7.17 16.09
CA GLU A 120 6.64 7.89 15.98
C GLU A 120 7.74 6.85 15.75
N VAL A 121 8.62 7.14 14.80
CA VAL A 121 9.69 6.22 14.46
C VAL A 121 11.04 6.90 14.72
N TYR A 122 11.90 6.23 15.47
CA TYR A 122 13.26 6.66 15.74
C TYR A 122 14.22 5.49 15.47
N ALA A 123 15.31 5.81 14.78
CA ALA A 123 16.30 4.81 14.37
C ALA A 123 17.69 5.25 14.84
N PHE A 124 18.43 4.29 15.39
CA PHE A 124 19.75 4.50 15.97
C PHE A 124 20.77 3.45 15.50
N ALA A 125 22.05 3.82 15.56
CA ALA A 125 23.17 2.93 15.26
C ALA A 125 24.10 2.83 16.48
N THR A 126 24.51 1.61 16.82
CA THR A 126 25.42 1.40 17.92
C THR A 126 26.81 1.79 17.43
N PRO A 127 27.64 2.28 18.36
CA PRO A 127 29.06 2.42 18.07
C PRO A 127 29.79 1.10 18.15
N GLU A 128 31.04 1.08 17.70
CA GLU A 128 31.86 -0.11 17.70
C GLU A 128 32.09 -0.61 19.13
N TRP A 129 32.02 -1.93 19.30
CA TRP A 129 32.34 -2.57 20.58
C TRP A 129 33.66 -3.23 20.34
N PRO A 130 34.58 -3.14 21.32
CA PRO A 130 35.92 -3.75 21.18
C PRO A 130 35.88 -5.22 20.76
N GLY A 131 36.50 -5.53 19.62
CA GLY A 131 36.52 -6.89 19.08
C GLY A 131 35.49 -7.17 18.01
N SER A 132 34.70 -6.16 17.65
CA SER A 132 33.63 -6.34 16.66
C SER A 132 33.59 -5.20 15.65
N ARG A 133 34.68 -5.07 14.91
CA ARG A 133 34.86 -4.01 13.95
C ARG A 133 33.92 -4.12 12.76
N ASP A 134 33.60 -5.33 12.32
CA ASP A 134 32.91 -5.47 11.03
C ASP A 134 31.40 -5.73 11.17
N LYS A 135 30.82 -5.21 12.26
CA LYS A 135 29.37 -5.27 12.45
C LYS A 135 28.88 -4.22 13.43
N ARG A 136 27.61 -3.83 13.24
CA ARG A 136 26.97 -2.88 14.13
C ARG A 136 25.53 -3.36 14.35
N THR A 137 24.87 -2.77 15.33
CA THR A 137 23.47 -3.13 15.62
C THR A 137 22.64 -1.88 15.47
N LEU A 138 21.60 -2.01 14.65
CA LEU A 138 20.69 -0.92 14.42
C LEU A 138 19.44 -1.19 15.25
N ALA A 139 18.99 -0.14 15.93
CA ALA A 139 17.84 -0.18 16.80
C ALA A 139 16.80 0.86 16.33
N CYS A 140 15.55 0.42 16.24
CA CYS A 140 14.44 1.27 15.89
C CYS A 140 13.41 1.26 17.00
N LEU A 141 12.93 2.45 17.40
CA LEU A 141 11.91 2.61 18.42
C LEU A 141 10.65 3.20 17.77
N ILE A 142 9.57 2.41 17.76
CA ILE A 142 8.29 2.84 17.24
C ILE A 142 7.34 3.00 18.44
N GLN A 143 6.75 4.18 18.60
CA GLN A 143 5.98 4.48 19.80
C GLN A 143 4.78 5.42 19.62
N ASN A 144 3.90 5.40 20.61
CA ASN A 144 2.75 6.31 20.67
C ASN A 144 1.71 6.05 19.58
N PHE A 145 1.58 4.78 19.19
CA PHE A 145 0.59 4.39 18.20
C PHE A 145 -0.54 3.59 18.82
N MET A 146 -1.71 3.65 18.20
CA MET A 146 -2.82 2.80 18.61
C MET A 146 -3.79 2.63 17.47
N PRO A 147 -4.36 1.41 17.33
CA PRO A 147 -4.14 0.22 18.14
C PRO A 147 -2.75 -0.38 17.99
N GLU A 148 -2.53 -1.52 18.66
CA GLU A 148 -1.22 -2.12 18.81
C GLU A 148 -0.72 -2.86 17.56
N ASP A 149 -1.61 -3.10 16.60
CA ASP A 149 -1.23 -3.80 15.38
C ASP A 149 -0.26 -2.96 14.55
N ILE A 150 0.90 -3.54 14.25
CA ILE A 150 1.94 -2.81 13.51
C ILE A 150 2.88 -3.79 12.83
N SER A 151 3.25 -3.46 11.61
CA SER A 151 4.28 -4.22 10.89
C SER A 151 5.57 -3.43 10.83
N VAL A 152 6.71 -4.08 11.09
CA VAL A 152 8.00 -3.37 11.04
C VAL A 152 8.90 -4.01 9.99
N GLN A 153 9.49 -3.17 9.13
CA GLN A 153 10.45 -3.71 8.17
C GLN A 153 11.72 -2.88 8.06
N TRP A 154 12.78 -3.49 7.55
CA TRP A 154 14.04 -2.81 7.30
C TRP A 154 14.40 -2.84 5.82
N LEU A 155 14.99 -1.73 5.37
CA LEU A 155 15.39 -1.62 3.99
C LEU A 155 16.83 -1.12 3.82
N HIS A 156 17.49 -1.65 2.82
CA HIS A 156 18.81 -1.22 2.42
C HIS A 156 18.83 -1.18 0.90
N ASN A 157 19.09 -0.01 0.32
CA ASN A 157 18.99 0.21 -1.13
C ASN A 157 17.54 0.13 -1.61
N GLU A 158 16.63 0.51 -0.74
CA GLU A 158 15.19 0.38 -1.00
C GLU A 158 14.76 -1.04 -1.39
N VAL A 159 15.60 -2.02 -1.08
CA VAL A 159 15.16 -3.42 -1.09
C VAL A 159 14.94 -3.86 0.35
N GLN A 160 13.75 -4.39 0.59
CA GLN A 160 13.38 -4.90 1.88
C GLN A 160 14.25 -6.10 2.24
N LEU A 161 14.83 -6.05 3.43
CA LEU A 161 15.68 -7.12 3.92
C LEU A 161 14.85 -8.29 4.40
N PRO A 162 15.38 -9.51 4.26
CA PRO A 162 14.62 -10.66 4.76
C PRO A 162 14.17 -10.43 6.20
N ASP A 163 12.98 -10.91 6.58
CA ASP A 163 12.43 -10.67 7.91
C ASP A 163 13.27 -11.35 8.98
N ALA A 164 13.90 -12.47 8.61
CA ALA A 164 14.68 -13.26 9.55
C ALA A 164 15.91 -12.51 10.07
N ARG A 165 16.27 -11.43 9.37
CA ARG A 165 17.45 -10.63 9.71
C ARG A 165 17.27 -9.74 10.94
N HIS A 166 16.02 -9.50 11.32
CA HIS A 166 15.69 -8.62 12.43
C HIS A 166 14.70 -9.33 13.38
N SER A 167 14.52 -8.75 14.56
CA SER A 167 13.54 -9.22 15.52
C SER A 167 12.92 -8.02 16.18
N THR A 168 11.60 -7.99 16.20
CA THR A 168 10.79 -6.92 16.75
C THR A 168 10.09 -7.39 18.03
N THR A 169 10.06 -6.53 19.03
CA THR A 169 9.47 -6.88 20.32
C THR A 169 7.94 -6.81 20.21
N GLN A 170 7.24 -7.45 21.14
CA GLN A 170 5.79 -7.41 21.15
C GLN A 170 5.31 -6.08 21.70
N PRO A 171 4.14 -5.61 21.24
CA PRO A 171 3.67 -4.29 21.64
C PRO A 171 3.49 -4.18 23.14
N ARG A 172 3.95 -3.07 23.70
CA ARG A 172 3.81 -2.83 25.12
C ARG A 172 3.21 -1.44 25.23
N LYS A 173 2.42 -1.24 26.29
CA LYS A 173 1.84 0.07 26.54
C LYS A 173 2.90 1.02 27.06
N THR A 174 2.85 2.26 26.54
CA THR A 174 3.65 3.35 27.05
C THR A 174 3.04 3.77 28.39
N LYS A 175 3.54 4.84 28.99
CA LYS A 175 2.96 5.37 30.23
C LYS A 175 1.67 6.13 29.92
N GLY A 176 1.37 6.25 28.62
CA GLY A 176 0.13 6.87 28.16
C GLY A 176 -0.79 5.82 27.56
N SER A 177 -1.47 6.18 26.48
CA SER A 177 -2.49 5.30 25.89
C SER A 177 -1.98 4.46 24.72
N GLY A 178 -0.86 4.88 24.12
CA GLY A 178 -0.30 4.22 22.94
C GLY A 178 0.63 3.05 23.28
N PHE A 179 1.16 2.44 22.23
CA PHE A 179 2.04 1.29 22.40
C PHE A 179 3.41 1.63 21.86
N PHE A 180 4.36 0.75 22.14
CA PHE A 180 5.67 0.83 21.53
C PHE A 180 6.21 -0.56 21.19
N VAL A 181 7.03 -0.61 20.16
CA VAL A 181 7.88 -1.75 19.87
C VAL A 181 9.36 -1.32 19.62
N PHE A 182 10.26 -2.23 19.86
CA PHE A 182 11.65 -2.08 19.45
C PHE A 182 11.99 -3.09 18.39
N SER A 183 12.79 -2.67 17.41
CA SER A 183 13.27 -3.59 16.38
C SER A 183 14.79 -3.58 16.33
N ARG A 184 15.36 -4.77 16.21
CA ARG A 184 16.81 -4.94 16.24
C ARG A 184 17.29 -5.55 14.92
N LEU A 185 18.33 -4.95 14.34
CA LEU A 185 18.90 -5.38 13.08
C LEU A 185 20.44 -5.33 13.12
N GLU A 186 21.08 -6.49 13.04
CA GLU A 186 22.54 -6.55 12.91
C GLU A 186 22.91 -6.37 11.44
N VAL A 187 23.86 -5.47 11.21
CA VAL A 187 24.35 -5.19 9.88
C VAL A 187 25.86 -5.44 9.81
N THR A 188 26.36 -5.61 8.59
CA THR A 188 27.74 -5.96 8.34
C THR A 188 28.43 -4.76 7.71
N ARG A 189 29.75 -4.73 7.84
CA ARG A 189 30.57 -3.70 7.22
C ARG A 189 30.36 -3.60 5.71
N ALA A 190 30.33 -4.74 5.02
CA ALA A 190 30.13 -4.73 3.58
C ALA A 190 28.87 -3.95 3.19
N GLU A 191 27.82 -4.07 3.99
CA GLU A 191 26.57 -3.39 3.69
C GLU A 191 26.67 -1.88 3.88
N TRP A 192 27.22 -1.43 5.00
CA TRP A 192 27.26 0.03 5.26
C TRP A 192 28.35 0.72 4.44
N GLU A 193 29.37 -0.02 4.03
CA GLU A 193 30.37 0.52 3.10
C GLU A 193 29.83 0.65 1.67
N GLN A 194 28.93 -0.24 1.29
CA GLN A 194 28.24 -0.16 0.00
C GLN A 194 27.24 1.01 -0.04
N LYS A 195 26.46 1.14 1.02
CA LYS A 195 25.51 2.23 1.17
C LYS A 195 25.21 2.40 2.66
N ASP A 196 25.75 3.46 3.26
CA ASP A 196 25.63 3.74 4.68
C ASP A 196 24.30 4.43 5.01
N GLU A 197 23.20 3.71 4.76
CA GLU A 197 21.88 4.21 5.06
C GLU A 197 20.90 3.05 5.11
N PHE A 198 20.23 2.94 6.24
CA PHE A 198 19.27 1.86 6.47
C PHE A 198 17.98 2.46 6.95
N ILE A 199 16.88 1.89 6.48
CA ILE A 199 15.57 2.45 6.77
C ILE A 199 14.77 1.49 7.62
N CYS A 200 14.35 1.99 8.77
CA CYS A 200 13.30 1.39 9.54
C CYS A 200 11.93 1.91 9.14
N ARG A 201 11.04 1.02 8.71
CA ARG A 201 9.71 1.41 8.28
C ARG A 201 8.64 0.71 9.09
N ALA A 202 7.71 1.51 9.63
CA ALA A 202 6.55 0.97 10.32
C ALA A 202 5.26 1.12 9.50
N VAL A 203 4.59 -0.01 9.23
CA VAL A 203 3.28 0.05 8.59
C VAL A 203 2.16 -0.02 9.63
N HIS A 204 1.29 0.99 9.62
CA HIS A 204 0.27 1.14 10.66
C HIS A 204 -0.92 1.84 10.02
N GLU A 205 -2.12 1.48 10.43
CA GLU A 205 -3.32 2.07 9.84
C GLU A 205 -3.50 3.56 10.07
N ALA A 206 -3.10 4.05 11.24
CA ALA A 206 -3.23 5.45 11.59
C ALA A 206 -2.06 6.27 11.05
N ALA A 207 -1.07 5.55 10.53
CA ALA A 207 0.11 6.16 9.92
C ALA A 207 -0.24 6.82 8.61
N SER A 208 0.62 7.75 8.19
CA SER A 208 0.43 8.43 6.94
C SER A 208 1.76 9.07 6.50
N PRO A 209 1.87 9.33 5.19
CA PRO A 209 0.91 8.87 4.20
C PRO A 209 1.14 7.39 3.86
N SER A 210 0.16 6.78 3.19
CA SER A 210 0.25 5.40 2.74
C SER A 210 0.41 4.39 3.89
N GLN A 211 -0.16 4.72 5.05
CA GLN A 211 -0.06 3.88 6.24
C GLN A 211 1.39 3.46 6.58
N THR A 212 2.36 4.26 6.14
CA THR A 212 3.74 3.95 6.47
C THR A 212 4.46 5.18 7.03
N VAL A 213 5.28 4.95 8.05
CA VAL A 213 6.18 5.98 8.56
C VAL A 213 7.56 5.33 8.64
N GLN A 214 8.58 6.02 8.16
CA GLN A 214 9.92 5.47 8.18
C GLN A 214 10.97 6.47 8.62
N ARG A 215 12.07 5.96 9.14
CA ARG A 215 13.20 6.77 9.56
C ARG A 215 14.53 6.15 9.10
N ALA A 216 15.41 6.98 8.57
CA ALA A 216 16.71 6.55 8.04
C ALA A 216 17.77 6.68 9.11
N VAL A 217 18.69 5.72 9.14
CA VAL A 217 19.84 5.79 10.02
C VAL A 217 21.10 5.35 9.30
N SER A 218 22.22 5.95 9.73
CA SER A 218 23.53 5.68 9.15
C SER A 218 24.51 5.24 10.27
N VAL A 219 25.35 4.26 9.94
CA VAL A 219 26.52 3.93 10.74
C VAL A 219 27.53 5.05 10.50
N ASN A 220 27.82 5.85 11.50
CA ASN A 220 28.60 7.06 11.23
C ASN A 220 27.68 8.11 10.61
N GLY B 11 -4.80 -35.61 -14.90
CA GLY B 11 -5.44 -34.34 -14.40
C GLY B 11 -4.58 -33.55 -13.44
N VAL B 12 -3.71 -34.24 -12.70
CA VAL B 12 -2.82 -33.61 -11.73
C VAL B 12 -1.45 -33.24 -12.33
N SER B 13 -1.10 -31.95 -12.23
CA SER B 13 0.19 -31.43 -12.69
C SER B 13 0.91 -30.77 -11.52
N ALA B 14 2.24 -30.81 -11.57
CA ALA B 14 3.09 -30.19 -10.54
C ALA B 14 4.30 -29.54 -11.20
N TYR B 15 4.65 -28.34 -10.74
CA TYR B 15 5.74 -27.54 -11.28
C TYR B 15 6.59 -27.03 -10.13
N LEU B 16 7.91 -27.11 -10.31
CA LEU B 16 8.84 -26.63 -9.31
C LEU B 16 9.78 -25.59 -9.89
N SER B 17 9.69 -24.36 -9.39
CA SER B 17 10.49 -23.26 -9.91
C SER B 17 11.78 -23.00 -9.11
N ARG B 18 12.76 -22.42 -9.78
CA ARG B 18 13.99 -22.01 -9.14
C ARG B 18 13.84 -20.59 -8.58
N PRO B 19 14.79 -20.13 -7.75
CA PRO B 19 14.64 -18.81 -7.16
C PRO B 19 14.86 -17.70 -8.17
N SER B 20 14.27 -16.54 -7.97
CA SER B 20 14.59 -15.43 -8.88
C SER B 20 16.02 -14.96 -8.61
N PRO B 21 16.77 -14.64 -9.67
CA PRO B 21 18.14 -14.20 -9.46
C PRO B 21 18.26 -13.00 -8.53
N PHE B 22 17.27 -12.11 -8.57
CA PHE B 22 17.21 -10.95 -7.69
C PHE B 22 17.15 -11.38 -6.21
N ASP B 23 16.25 -12.29 -5.89
CA ASP B 23 16.15 -12.84 -4.54
C ASP B 23 17.41 -13.57 -4.14
N LEU B 24 17.99 -14.31 -5.06
CA LEU B 24 19.16 -15.11 -4.78
C LEU B 24 20.42 -14.27 -4.58
N PHE B 25 20.65 -13.32 -5.49
CA PHE B 25 21.93 -12.58 -5.47
C PHE B 25 21.85 -11.18 -4.87
N ILE B 26 20.72 -10.49 -5.02
CA ILE B 26 20.64 -9.12 -4.51
C ILE B 26 20.07 -9.13 -3.08
N ARG B 27 18.81 -9.55 -2.95
CA ARG B 27 18.15 -9.67 -1.65
C ARG B 27 18.72 -10.76 -0.75
N LYS B 28 19.24 -11.83 -1.35
CA LYS B 28 19.80 -12.95 -0.60
C LYS B 28 18.77 -13.62 0.32
N SER B 29 17.53 -13.66 -0.16
CA SER B 29 16.49 -14.47 0.45
C SER B 29 15.78 -15.26 -0.66
N PRO B 30 16.47 -16.25 -1.23
CA PRO B 30 15.84 -17.05 -2.27
C PRO B 30 14.69 -17.95 -1.77
N THR B 31 13.71 -18.15 -2.64
CA THR B 31 12.66 -19.12 -2.34
C THR B 31 12.48 -20.00 -3.57
N ILE B 32 11.96 -21.20 -3.38
CA ILE B 32 11.46 -22.03 -4.49
C ILE B 32 9.95 -22.30 -4.27
N THR B 33 9.22 -22.53 -5.35
CA THR B 33 7.77 -22.67 -5.26
C THR B 33 7.31 -23.93 -5.98
N CYS B 34 6.53 -24.73 -5.26
CA CYS B 34 5.94 -25.94 -5.79
C CYS B 34 4.47 -25.66 -6.07
N LEU B 35 4.12 -25.62 -7.35
CA LEU B 35 2.75 -25.39 -7.80
C LEU B 35 2.11 -26.71 -8.24
N VAL B 36 0.96 -26.99 -7.68
CA VAL B 36 0.19 -28.18 -8.02
C VAL B 36 -1.15 -27.75 -8.61
N VAL B 37 -1.39 -28.19 -9.84
CA VAL B 37 -2.64 -27.93 -10.54
C VAL B 37 -3.51 -29.20 -10.59
N ASP B 38 -4.80 -29.03 -10.28
CA ASP B 38 -5.72 -30.16 -10.21
C ASP B 38 -7.00 -29.78 -10.93
N LEU B 39 -7.20 -30.35 -12.10
CA LEU B 39 -8.39 -30.07 -12.92
C LEU B 39 -9.70 -30.56 -12.34
N ALA B 40 -9.66 -31.76 -11.75
CA ALA B 40 -10.82 -32.33 -11.08
C ALA B 40 -10.53 -32.54 -9.59
N PRO B 41 -10.82 -31.53 -8.75
CA PRO B 41 -10.68 -31.63 -7.29
C PRO B 41 -11.50 -32.75 -6.68
N SER B 42 -10.83 -33.84 -6.32
CA SER B 42 -11.44 -34.96 -5.60
C SER B 42 -11.49 -34.62 -4.11
N LYS B 43 -12.28 -33.60 -3.77
CA LYS B 43 -12.31 -33.02 -2.44
C LYS B 43 -11.53 -33.84 -1.41
N GLY B 44 -10.24 -33.53 -1.30
CA GLY B 44 -9.35 -34.18 -0.36
C GLY B 44 -8.11 -33.32 -0.16
N THR B 45 -7.13 -33.86 0.56
CA THR B 45 -5.92 -33.10 0.90
C THR B 45 -4.78 -33.51 -0.02
N VAL B 46 -4.40 -32.63 -0.94
CA VAL B 46 -3.14 -32.81 -1.66
C VAL B 46 -2.02 -32.37 -0.75
N GLN B 47 -1.20 -33.32 -0.30
CA GLN B 47 -0.10 -33.03 0.61
C GLN B 47 1.19 -32.71 -0.14
N LEU B 48 1.77 -31.55 0.16
CA LEU B 48 3.07 -31.14 -0.38
C LEU B 48 4.15 -31.25 0.71
N THR B 49 5.15 -32.07 0.45
CA THR B 49 6.21 -32.29 1.41
C THR B 49 7.51 -31.81 0.78
N TRP B 50 8.29 -31.06 1.56
CA TRP B 50 9.60 -30.59 1.14
C TRP B 50 10.71 -31.41 1.78
N SER B 51 11.78 -31.60 1.02
CA SER B 51 12.95 -32.30 1.50
C SER B 51 14.19 -31.89 0.70
N ARG B 52 15.35 -32.10 1.32
CA ARG B 52 16.64 -31.83 0.71
C ARG B 52 17.36 -33.14 0.46
N ALA B 53 18.13 -33.20 -0.63
CA ALA B 53 18.87 -34.40 -1.00
C ALA B 53 19.90 -34.76 0.05
N SER B 54 20.47 -33.74 0.69
CA SER B 54 21.51 -33.89 1.69
C SER B 54 21.00 -34.50 3.00
N GLY B 55 19.69 -34.48 3.21
CA GLY B 55 19.12 -34.91 4.46
C GLY B 55 18.96 -33.77 5.45
N LYS B 56 19.43 -32.58 5.11
CA LYS B 56 19.30 -31.45 6.02
C LYS B 56 17.87 -30.96 6.10
N PRO B 57 17.53 -30.27 7.20
CA PRO B 57 16.15 -29.84 7.40
C PRO B 57 15.76 -28.70 6.49
N VAL B 58 14.47 -28.65 6.18
CA VAL B 58 13.91 -27.58 5.39
C VAL B 58 13.28 -26.58 6.34
N GLN B 59 13.27 -25.31 5.94
CA GLN B 59 12.64 -24.25 6.73
C GLN B 59 11.13 -24.47 6.64
N HIS B 60 10.38 -23.72 7.44
CA HIS B 60 8.93 -23.74 7.32
C HIS B 60 8.52 -23.12 5.99
N SER B 61 7.57 -23.77 5.32
CA SER B 61 7.09 -23.30 4.02
C SER B 61 5.65 -22.78 4.09
N THR B 62 5.31 -21.88 3.18
CA THR B 62 3.98 -21.31 3.09
C THR B 62 3.11 -22.27 2.27
N ARG B 63 1.81 -22.08 2.34
CA ARG B 63 0.91 -22.85 1.50
C ARG B 63 -0.32 -22.02 1.22
N LYS B 64 -0.85 -22.17 0.01
CA LYS B 64 -2.01 -21.43 -0.43
C LYS B 64 -2.82 -22.27 -1.43
N GLU B 65 -4.06 -22.59 -1.05
CA GLU B 65 -5.02 -23.24 -1.94
C GLU B 65 -5.97 -22.20 -2.56
N GLU B 66 -6.07 -22.21 -3.88
CA GLU B 66 -6.99 -21.34 -4.60
C GLU B 66 -7.93 -22.15 -5.49
N LYS B 67 -9.23 -21.95 -5.31
CA LYS B 67 -10.23 -22.50 -6.22
C LYS B 67 -10.36 -21.51 -7.38
N GLN B 68 -10.26 -22.04 -8.60
CA GLN B 68 -10.25 -21.20 -9.80
C GLN B 68 -11.62 -21.13 -10.45
N ARG B 69 -11.73 -20.24 -11.43
CA ARG B 69 -12.99 -20.04 -12.15
C ARG B 69 -13.46 -21.31 -12.85
N ASN B 70 -12.52 -22.09 -13.39
CA ASN B 70 -12.87 -23.30 -14.12
C ASN B 70 -13.14 -24.53 -13.24
N GLY B 71 -13.35 -24.30 -11.95
CA GLY B 71 -13.66 -25.38 -11.01
C GLY B 71 -12.48 -26.31 -10.75
N THR B 72 -11.34 -25.72 -10.39
CA THR B 72 -10.11 -26.48 -10.23
C THR B 72 -9.35 -26.00 -8.99
N LEU B 73 -8.61 -26.91 -8.37
CA LEU B 73 -7.86 -26.60 -7.16
C LEU B 73 -6.38 -26.39 -7.50
N THR B 74 -5.87 -25.21 -7.18
CA THR B 74 -4.45 -24.89 -7.34
C THR B 74 -3.79 -24.77 -5.96
N VAL B 75 -2.80 -25.63 -5.71
CA VAL B 75 -2.05 -25.57 -4.45
C VAL B 75 -0.61 -25.12 -4.68
N THR B 76 -0.22 -24.04 -4.03
CA THR B 76 1.14 -23.51 -4.17
C THR B 76 1.79 -23.52 -2.79
N SER B 77 3.06 -23.87 -2.76
CA SER B 77 3.83 -23.81 -1.54
C SER B 77 5.19 -23.20 -1.79
N THR B 78 5.58 -22.22 -0.98
CA THR B 78 6.84 -21.55 -1.19
C THR B 78 7.79 -21.85 -0.04
N LEU B 79 8.97 -22.32 -0.42
CA LEU B 79 9.94 -22.74 0.55
C LEU B 79 11.11 -21.77 0.52
N PRO B 80 11.36 -21.07 1.63
CA PRO B 80 12.59 -20.33 1.80
C PRO B 80 13.80 -21.24 1.80
N VAL B 81 14.86 -20.77 1.16
CA VAL B 81 16.03 -21.57 0.92
C VAL B 81 17.28 -20.79 1.35
N GLY B 82 18.27 -21.51 1.87
CA GLY B 82 19.59 -20.92 2.15
C GLY B 82 20.26 -20.46 0.86
N THR B 83 20.83 -19.25 0.90
CA THR B 83 21.52 -18.67 -0.25
C THR B 83 22.80 -19.44 -0.57
N ARG B 84 23.55 -19.79 0.47
CA ARG B 84 24.78 -20.55 0.31
C ARG B 84 24.44 -21.98 -0.10
N ASP B 85 23.39 -22.52 0.49
CA ASP B 85 22.91 -23.86 0.17
C ASP B 85 22.53 -24.03 -1.29
N TRP B 86 21.85 -23.04 -1.85
CA TRP B 86 21.47 -23.07 -3.26
C TRP B 86 22.70 -23.01 -4.17
N ILE B 87 23.57 -22.06 -3.90
CA ILE B 87 24.72 -21.79 -4.73
C ILE B 87 25.78 -22.89 -4.69
N GLU B 88 25.81 -23.66 -3.61
CA GLU B 88 26.71 -24.80 -3.48
C GLU B 88 26.12 -26.11 -3.96
N GLY B 89 24.91 -26.10 -4.50
CA GLY B 89 24.40 -27.22 -5.29
C GLY B 89 23.40 -28.10 -4.59
N GLU B 90 22.69 -27.55 -3.61
CA GLU B 90 21.73 -28.35 -2.89
C GLU B 90 20.55 -28.64 -3.79
N THR B 91 20.01 -29.85 -3.65
CA THR B 91 18.83 -30.27 -4.38
C THR B 91 17.64 -30.27 -3.44
N TYR B 92 16.58 -29.57 -3.87
CA TYR B 92 15.34 -29.51 -3.13
C TYR B 92 14.21 -30.27 -3.84
N GLN B 93 13.40 -30.98 -3.07
CA GLN B 93 12.37 -31.83 -3.63
C GLN B 93 10.99 -31.51 -3.06
N CYS B 94 9.99 -31.62 -3.93
CA CYS B 94 8.61 -31.46 -3.54
C CYS B 94 7.91 -32.77 -3.86
N ARG B 95 7.36 -33.41 -2.83
CA ARG B 95 6.64 -34.67 -2.99
C ARG B 95 5.14 -34.40 -2.85
N VAL B 96 4.39 -34.62 -3.92
CA VAL B 96 2.95 -34.42 -3.89
C VAL B 96 2.22 -35.76 -3.75
N THR B 97 1.16 -35.76 -2.95
CA THR B 97 0.42 -36.96 -2.61
C THR B 97 -1.05 -36.63 -2.44
N HIS B 98 -1.91 -37.62 -2.73
CA HIS B 98 -3.35 -37.54 -2.50
C HIS B 98 -3.86 -38.95 -2.23
N PRO B 99 -4.80 -39.12 -1.29
CA PRO B 99 -5.33 -40.46 -0.98
C PRO B 99 -5.67 -41.27 -2.22
N HIS B 100 -6.41 -40.66 -3.15
CA HIS B 100 -6.83 -41.33 -4.37
C HIS B 100 -6.10 -40.77 -5.59
N LEU B 101 -4.96 -41.39 -5.92
CA LEU B 101 -4.18 -41.06 -7.11
C LEU B 101 -3.29 -42.24 -7.49
N PRO B 102 -2.73 -42.23 -8.71
CA PRO B 102 -1.87 -43.36 -9.09
C PRO B 102 -0.65 -43.52 -8.16
N ARG B 103 0.27 -42.56 -8.21
CA ARG B 103 1.44 -42.57 -7.33
C ARG B 103 1.91 -41.15 -7.01
N ALA B 104 2.82 -41.04 -6.05
CA ALA B 104 3.39 -39.76 -5.63
C ALA B 104 4.18 -39.09 -6.75
N LEU B 105 3.85 -37.84 -7.03
CA LEU B 105 4.60 -37.01 -7.97
C LEU B 105 5.78 -36.35 -7.24
N MET B 106 6.96 -36.50 -7.80
CA MET B 106 8.18 -35.97 -7.19
C MET B 106 8.82 -35.03 -8.17
N ARG B 107 9.03 -33.80 -7.72
CA ARG B 107 9.70 -32.78 -8.51
C ARG B 107 10.94 -32.36 -7.73
N SER B 108 12.07 -32.24 -8.40
CA SER B 108 13.29 -31.76 -7.78
C SER B 108 13.88 -30.56 -8.54
N THR B 109 14.63 -29.72 -7.81
CA THR B 109 15.24 -28.54 -8.40
C THR B 109 16.61 -28.22 -7.78
N THR B 110 17.51 -27.69 -8.58
CA THR B 110 18.88 -27.42 -8.16
C THR B 110 19.48 -26.44 -9.13
N LYS B 111 20.60 -25.86 -8.75
CA LYS B 111 21.33 -24.94 -9.59
C LYS B 111 21.89 -25.68 -10.78
N THR B 112 21.93 -25.03 -11.95
CA THR B 112 22.26 -25.69 -13.20
C THR B 112 23.74 -26.03 -13.22
N SER B 113 24.08 -27.16 -13.80
CA SER B 113 25.45 -27.54 -14.06
C SER B 113 25.74 -27.68 -15.56
N GLY B 114 24.80 -27.23 -16.36
CA GLY B 114 24.98 -27.19 -17.82
C GLY B 114 25.56 -25.89 -18.33
N PRO B 115 25.41 -25.64 -19.65
CA PRO B 115 26.02 -24.46 -20.29
C PRO B 115 25.52 -23.15 -19.70
N ARG B 116 26.44 -22.19 -19.52
CA ARG B 116 26.09 -20.87 -18.97
C ARG B 116 26.56 -19.77 -19.91
N ALA B 117 25.93 -18.60 -19.86
CA ALA B 117 26.32 -17.45 -20.67
C ALA B 117 25.72 -16.18 -20.08
N ALA B 118 26.59 -15.21 -19.84
CA ALA B 118 26.21 -13.90 -19.34
C ALA B 118 25.38 -13.12 -20.35
N PRO B 119 24.46 -12.30 -19.86
CA PRO B 119 23.65 -11.47 -20.74
C PRO B 119 24.39 -10.27 -21.33
N GLU B 120 24.03 -9.95 -22.57
CA GLU B 120 24.35 -8.69 -23.22
C GLU B 120 23.20 -7.74 -22.92
N VAL B 121 23.54 -6.51 -22.55
CA VAL B 121 22.55 -5.53 -22.16
C VAL B 121 22.72 -4.29 -23.05
N TYR B 122 21.62 -3.83 -23.62
CA TYR B 122 21.53 -2.63 -24.47
C TYR B 122 20.31 -1.81 -24.06
N ALA B 123 20.50 -0.53 -23.80
CA ALA B 123 19.43 0.33 -23.34
C ALA B 123 19.24 1.41 -24.42
N PHE B 124 17.98 1.66 -24.75
CA PHE B 124 17.58 2.58 -25.81
C PHE B 124 16.50 3.54 -25.27
N ALA B 125 16.40 4.69 -25.91
CA ALA B 125 15.35 5.69 -25.63
C ALA B 125 14.67 6.05 -26.94
N THR B 126 13.35 6.04 -26.91
CA THR B 126 12.59 6.40 -28.08
C THR B 126 12.78 7.89 -28.35
N PRO B 127 12.68 8.27 -29.64
CA PRO B 127 12.58 9.67 -29.99
C PRO B 127 11.18 10.20 -29.73
N GLU B 128 11.03 11.51 -29.86
CA GLU B 128 9.76 12.15 -29.69
C GLU B 128 8.78 11.65 -30.75
N TRP B 129 7.55 11.40 -30.33
CA TRP B 129 6.45 11.15 -31.27
C TRP B 129 5.56 12.39 -31.35
N PRO B 130 5.10 12.76 -32.55
CA PRO B 130 4.19 13.89 -32.70
C PRO B 130 3.01 13.80 -31.72
N GLY B 131 2.81 14.85 -30.93
CA GLY B 131 1.71 14.87 -29.97
C GLY B 131 2.09 14.41 -28.58
N SER B 132 3.26 13.79 -28.43
CA SER B 132 3.68 13.36 -27.10
C SER B 132 5.12 13.77 -26.74
N ARG B 133 5.36 15.07 -26.68
CA ARG B 133 6.69 15.58 -26.36
C ARG B 133 7.06 15.42 -24.88
N ASP B 134 6.08 15.18 -24.01
CA ASP B 134 6.33 15.05 -22.58
C ASP B 134 6.43 13.59 -22.11
N LYS B 135 6.54 12.66 -23.05
CA LYS B 135 6.65 11.23 -22.74
C LYS B 135 7.70 10.58 -23.62
N ARG B 136 8.44 9.64 -23.04
CA ARG B 136 9.37 8.79 -23.78
C ARG B 136 9.22 7.35 -23.30
N THR B 137 9.61 6.40 -24.14
CA THR B 137 9.65 5.00 -23.74
C THR B 137 11.10 4.51 -23.75
N LEU B 138 11.52 3.94 -22.63
CA LEU B 138 12.85 3.35 -22.49
C LEU B 138 12.70 1.87 -22.74
N ALA B 139 13.60 1.34 -23.58
CA ALA B 139 13.63 -0.04 -24.01
C ALA B 139 14.99 -0.64 -23.67
N CYS B 140 14.97 -1.83 -23.08
CA CYS B 140 16.21 -2.52 -22.79
C CYS B 140 16.20 -3.91 -23.44
N LEU B 141 17.22 -4.22 -24.24
CA LEU B 141 17.41 -5.56 -24.81
C LEU B 141 18.46 -6.35 -24.03
N ILE B 142 18.04 -7.51 -23.51
CA ILE B 142 18.92 -8.39 -22.73
C ILE B 142 18.92 -9.76 -23.44
N GLN B 143 20.11 -10.23 -23.83
CA GLN B 143 20.21 -11.31 -24.83
C GLN B 143 21.43 -12.22 -24.70
N ASN B 144 21.29 -13.41 -25.27
CA ASN B 144 22.37 -14.39 -25.33
C ASN B 144 22.79 -14.91 -23.97
N PHE B 145 21.83 -14.96 -23.04
CA PHE B 145 22.05 -15.51 -21.71
C PHE B 145 21.49 -16.92 -21.59
N MET B 146 22.13 -17.72 -20.76
CA MET B 146 21.60 -19.00 -20.33
C MET B 146 22.19 -19.44 -19.00
N PRO B 147 21.38 -20.10 -18.15
CA PRO B 147 19.94 -20.41 -18.33
C PRO B 147 19.03 -19.18 -18.47
N GLU B 148 17.73 -19.47 -18.61
CA GLU B 148 16.73 -18.47 -18.89
C GLU B 148 16.37 -17.60 -17.69
N ASP B 149 16.69 -18.04 -16.47
CA ASP B 149 16.33 -17.31 -15.24
C ASP B 149 17.01 -15.94 -15.23
N ILE B 150 16.22 -14.88 -15.12
CA ILE B 150 16.75 -13.51 -15.16
C ILE B 150 15.78 -12.58 -14.45
N SER B 151 16.33 -11.56 -13.80
CA SER B 151 15.56 -10.50 -13.14
C SER B 151 15.99 -9.16 -13.73
N VAL B 152 15.01 -8.29 -13.93
CA VAL B 152 15.29 -6.97 -14.54
C VAL B 152 14.83 -5.87 -13.58
N GLN B 153 15.74 -4.96 -13.28
CA GLN B 153 15.39 -3.74 -12.53
C GLN B 153 15.72 -2.48 -13.34
N TRP B 154 14.96 -1.41 -13.11
CA TRP B 154 15.29 -0.07 -13.60
C TRP B 154 15.67 0.84 -12.44
N LEU B 155 16.78 1.55 -12.59
CA LEU B 155 17.21 2.47 -11.54
C LEU B 155 17.20 3.92 -12.06
N HIS B 156 16.82 4.83 -11.19
CA HIS B 156 16.87 6.27 -11.45
C HIS B 156 17.27 6.94 -10.14
N ASN B 157 18.25 7.85 -10.19
CA ASN B 157 18.82 8.45 -8.98
C ASN B 157 19.42 7.41 -8.04
N GLU B 158 20.01 6.37 -8.62
CA GLU B 158 20.65 5.30 -7.84
C GLU B 158 19.62 4.59 -6.96
N VAL B 159 18.37 4.61 -7.40
CA VAL B 159 17.26 4.07 -6.65
C VAL B 159 16.40 3.21 -7.60
N GLN B 160 16.17 1.96 -7.20
CA GLN B 160 15.36 1.03 -7.94
C GLN B 160 13.89 1.48 -7.98
N LEU B 161 13.35 1.61 -9.19
CA LEU B 161 11.96 1.97 -9.37
C LEU B 161 11.07 0.79 -9.04
N PRO B 162 9.79 1.06 -8.71
CA PRO B 162 8.85 -0.01 -8.41
C PRO B 162 8.71 -0.99 -9.56
N ASP B 163 8.59 -2.27 -9.25
CA ASP B 163 8.41 -3.31 -10.27
C ASP B 163 7.30 -3.07 -11.28
N ALA B 164 6.14 -2.59 -10.80
CA ALA B 164 4.95 -2.37 -11.62
C ALA B 164 5.13 -1.26 -12.67
N ARG B 165 6.18 -0.50 -12.49
CA ARG B 165 6.60 0.53 -13.46
C ARG B 165 7.05 0.05 -14.86
N HIS B 166 7.65 -1.14 -14.90
CA HIS B 166 8.21 -1.61 -16.16
C HIS B 166 7.54 -2.94 -16.45
N SER B 167 7.71 -3.40 -17.68
CA SER B 167 7.19 -4.69 -18.12
C SER B 167 8.28 -5.42 -18.88
N THR B 168 8.59 -6.65 -18.49
CA THR B 168 9.57 -7.48 -19.18
C THR B 168 8.90 -8.62 -19.95
N THR B 169 9.36 -8.84 -21.17
CA THR B 169 8.84 -9.95 -22.01
C THR B 169 9.29 -11.31 -21.45
N GLN B 170 8.61 -12.35 -21.90
CA GLN B 170 8.98 -13.71 -21.56
C GLN B 170 10.25 -14.16 -22.31
N PRO B 171 11.13 -14.94 -21.64
CA PRO B 171 12.38 -15.38 -22.25
C PRO B 171 12.16 -16.20 -23.51
N ARG B 172 12.65 -15.73 -24.64
CA ARG B 172 12.48 -16.39 -25.90
C ARG B 172 13.84 -16.83 -26.40
N LYS B 173 13.83 -17.87 -27.23
CA LYS B 173 15.09 -18.40 -27.73
C LYS B 173 15.58 -17.46 -28.82
N THR B 174 16.86 -17.11 -28.73
CA THR B 174 17.55 -16.46 -29.83
C THR B 174 17.91 -17.47 -30.93
N LYS B 175 18.44 -16.96 -32.03
CA LYS B 175 19.11 -17.79 -33.03
C LYS B 175 20.53 -18.02 -32.49
N GLY B 176 20.94 -19.26 -32.47
CA GLY B 176 22.25 -19.56 -31.95
C GLY B 176 22.10 -20.23 -30.61
N SER B 177 22.35 -19.47 -29.55
CA SER B 177 22.17 -20.00 -28.22
C SER B 177 21.63 -18.93 -27.27
N GLY B 178 21.11 -19.38 -26.15
CA GLY B 178 20.64 -18.46 -25.12
C GLY B 178 19.26 -17.88 -25.41
N PHE B 179 18.89 -16.87 -24.62
CA PHE B 179 17.52 -16.35 -24.60
C PHE B 179 17.64 -14.84 -24.69
N PHE B 180 16.52 -14.20 -24.96
CA PHE B 180 16.43 -12.77 -24.86
C PHE B 180 15.12 -12.39 -24.18
N VAL B 181 15.15 -11.23 -23.52
CA VAL B 181 13.97 -10.53 -23.06
C VAL B 181 14.11 -9.05 -23.45
N PHE B 182 12.96 -8.39 -23.52
CA PHE B 182 12.90 -6.95 -23.62
C PHE B 182 12.19 -6.44 -22.39
N SER B 183 12.73 -5.38 -21.81
CA SER B 183 12.08 -4.61 -20.76
C SER B 183 11.67 -3.22 -21.28
N ARG B 184 10.44 -2.83 -20.96
CA ARG B 184 9.85 -1.57 -21.37
C ARG B 184 9.48 -0.67 -20.17
N LEU B 185 9.95 0.57 -20.19
CA LEU B 185 9.74 1.54 -19.12
C LEU B 185 9.29 2.87 -19.69
N GLU B 186 8.04 3.25 -19.42
CA GLU B 186 7.53 4.59 -19.73
C GLU B 186 8.05 5.61 -18.74
N VAL B 187 8.53 6.74 -19.25
CA VAL B 187 9.04 7.81 -18.42
C VAL B 187 8.44 9.15 -18.81
N THR B 188 8.37 10.07 -17.84
CA THR B 188 7.86 11.42 -18.05
C THR B 188 8.94 12.48 -18.09
N ARG B 189 8.58 13.64 -18.63
CA ARG B 189 9.49 14.76 -18.78
C ARG B 189 10.08 15.22 -17.43
N ALA B 190 9.23 15.23 -16.41
CA ALA B 190 9.68 15.59 -15.06
C ALA B 190 10.88 14.75 -14.65
N GLU B 191 10.83 13.47 -14.97
CA GLU B 191 11.87 12.54 -14.54
C GLU B 191 13.21 12.74 -15.21
N TRP B 192 13.24 12.84 -16.54
CA TRP B 192 14.51 13.01 -17.25
C TRP B 192 15.06 14.43 -17.15
N GLU B 193 14.20 15.41 -16.88
CA GLU B 193 14.69 16.77 -16.64
C GLU B 193 15.32 16.90 -15.26
N GLN B 194 14.82 16.13 -14.30
CA GLN B 194 15.40 16.09 -12.97
C GLN B 194 16.78 15.44 -13.07
N LYS B 195 16.82 14.26 -13.71
CA LYS B 195 18.07 13.54 -13.97
C LYS B 195 17.96 12.62 -15.19
N ASP B 196 18.67 12.98 -16.25
CA ASP B 196 18.55 12.27 -17.53
C ASP B 196 19.52 11.11 -17.60
N GLU B 197 19.25 10.09 -16.79
CA GLU B 197 20.07 8.90 -16.75
C GLU B 197 19.27 7.82 -16.06
N PHE B 198 18.87 6.82 -16.86
CA PHE B 198 18.15 5.67 -16.35
C PHE B 198 18.94 4.41 -16.61
N ILE B 199 18.91 3.49 -15.66
CA ILE B 199 19.71 2.27 -15.75
C ILE B 199 18.87 1.00 -15.81
N CYS B 200 19.04 0.23 -16.88
CA CYS B 200 18.55 -1.12 -16.94
C CYS B 200 19.60 -2.12 -16.42
N ARG B 201 19.27 -2.79 -15.32
CA ARG B 201 20.12 -3.81 -14.71
C ARG B 201 19.52 -5.18 -14.85
N ALA B 202 20.31 -6.11 -15.39
CA ALA B 202 19.95 -7.52 -15.43
C ALA B 202 20.69 -8.30 -14.34
N VAL B 203 19.94 -9.10 -13.58
CA VAL B 203 20.53 -10.01 -12.61
C VAL B 203 20.51 -11.45 -13.16
N HIS B 204 21.69 -12.03 -13.31
CA HIS B 204 21.81 -13.33 -13.92
C HIS B 204 23.01 -14.08 -13.31
N GLU B 205 22.83 -15.36 -12.99
CA GLU B 205 23.87 -16.17 -12.35
C GLU B 205 25.21 -16.28 -13.10
N ALA B 206 25.19 -16.15 -14.43
CA ALA B 206 26.40 -16.34 -15.25
C ALA B 206 27.16 -15.01 -15.42
N ALA B 207 26.54 -13.91 -15.02
CA ALA B 207 27.22 -12.63 -15.08
C ALA B 207 28.35 -12.45 -14.01
N SER B 208 29.43 -11.83 -14.46
CA SER B 208 30.63 -11.66 -13.62
C SER B 208 31.05 -10.21 -13.43
N PRO B 209 31.61 -9.91 -12.26
CA PRO B 209 31.89 -10.81 -11.16
C PRO B 209 30.75 -10.99 -10.15
N SER B 210 29.70 -10.17 -10.27
CA SER B 210 28.71 -10.02 -9.21
C SER B 210 27.28 -10.37 -9.60
N GLN B 211 27.15 -11.19 -10.63
CA GLN B 211 25.87 -11.64 -11.17
C GLN B 211 24.95 -10.50 -11.62
N THR B 212 25.55 -9.38 -12.05
CA THR B 212 24.76 -8.29 -12.62
C THR B 212 25.43 -7.71 -13.88
N VAL B 213 24.60 -7.28 -14.80
CA VAL B 213 25.04 -6.53 -15.97
C VAL B 213 24.03 -5.39 -16.12
N GLN B 214 24.52 -4.16 -16.24
CA GLN B 214 23.63 -3.02 -16.38
C GLN B 214 24.14 -2.01 -17.40
N ARG B 215 23.21 -1.22 -17.92
CA ARG B 215 23.53 -0.21 -18.96
C ARG B 215 22.65 1.02 -18.72
N ALA B 216 23.29 2.18 -18.69
CA ALA B 216 22.52 3.43 -18.65
C ALA B 216 22.03 3.92 -20.04
N VAL B 217 20.99 4.71 -20.03
CA VAL B 217 20.54 5.43 -21.22
C VAL B 217 19.99 6.80 -20.80
N SER B 218 20.05 7.76 -21.72
CA SER B 218 19.51 9.10 -21.53
C SER B 218 18.56 9.44 -22.66
N VAL B 219 17.58 10.28 -22.37
CA VAL B 219 16.63 10.78 -23.35
C VAL B 219 17.28 11.76 -24.32
N ASN B 220 18.14 12.63 -23.78
CA ASN B 220 18.92 13.59 -24.56
C ASN B 220 18.05 14.56 -25.36
N VAL C 12 6.40 35.07 2.42
CA VAL C 12 5.92 33.92 1.58
C VAL C 12 5.33 32.79 2.42
N SER C 13 4.11 32.38 2.07
CA SER C 13 3.44 31.26 2.73
C SER C 13 2.77 30.35 1.69
N ALA C 14 2.68 29.06 2.04
CA ALA C 14 2.19 28.03 1.13
C ALA C 14 1.11 27.16 1.80
N TYR C 15 -0.01 27.01 1.11
CA TYR C 15 -1.10 26.14 1.56
C TYR C 15 -1.45 25.12 0.45
N LEU C 16 -1.74 23.89 0.85
CA LEU C 16 -2.19 22.86 -0.09
C LEU C 16 -3.54 22.31 0.38
N SER C 17 -4.54 22.37 -0.50
CA SER C 17 -5.92 21.98 -0.17
C SER C 17 -6.26 20.54 -0.58
N ARG C 18 -7.45 20.10 -0.16
CA ARG C 18 -8.01 18.83 -0.56
C ARG C 18 -9.19 19.07 -1.54
N PRO C 19 -9.66 18.01 -2.20
CA PRO C 19 -10.79 18.15 -3.11
C PRO C 19 -12.07 18.51 -2.37
N SER C 20 -12.89 19.34 -3.00
CA SER C 20 -14.20 19.60 -2.45
C SER C 20 -15.02 18.34 -2.69
N PRO C 21 -15.87 17.97 -1.71
CA PRO C 21 -16.79 16.82 -1.81
C PRO C 21 -17.69 16.89 -3.03
N PHE C 22 -18.18 18.08 -3.35
CA PHE C 22 -18.92 18.31 -4.60
C PHE C 22 -18.15 17.84 -5.83
N ASP C 23 -16.89 18.25 -5.96
CA ASP C 23 -16.09 17.85 -7.10
C ASP C 23 -15.78 16.37 -7.12
N LEU C 24 -15.45 15.81 -5.96
CA LEU C 24 -15.13 14.41 -5.80
C LEU C 24 -16.28 13.43 -6.07
N PHE C 25 -17.44 13.70 -5.47
CA PHE C 25 -18.54 12.75 -5.46
C PHE C 25 -19.65 13.08 -6.45
N ILE C 26 -19.92 14.36 -6.68
CA ILE C 26 -21.01 14.72 -7.57
C ILE C 26 -20.48 14.93 -8.99
N ARG C 27 -19.59 15.91 -9.18
CA ARG C 27 -19.01 16.15 -10.50
C ARG C 27 -18.04 15.06 -10.93
N LYS C 28 -17.43 14.39 -9.96
CA LYS C 28 -16.48 13.32 -10.22
C LYS C 28 -15.29 13.80 -11.07
N SER C 29 -14.84 15.01 -10.76
CA SER C 29 -13.63 15.59 -11.32
C SER C 29 -12.94 16.34 -10.20
N PRO C 30 -12.31 15.60 -9.27
CA PRO C 30 -11.63 16.21 -8.15
C PRO C 30 -10.32 16.86 -8.54
N THR C 31 -10.05 17.98 -7.89
CA THR C 31 -8.79 18.70 -8.06
C THR C 31 -8.24 19.14 -6.69
N ILE C 32 -6.92 19.33 -6.61
CA ILE C 32 -6.29 19.88 -5.43
C ILE C 32 -5.50 21.11 -5.84
N THR C 33 -5.37 22.07 -4.93
CA THR C 33 -4.79 23.37 -5.26
C THR C 33 -3.69 23.76 -4.29
N CYS C 34 -2.53 24.08 -4.85
CA CYS C 34 -1.43 24.67 -4.10
C CYS C 34 -1.49 26.20 -4.19
N LEU C 35 -1.58 26.86 -3.03
CA LEU C 35 -1.67 28.32 -2.97
C LEU C 35 -0.40 28.94 -2.39
N VAL C 36 0.18 29.89 -3.13
CA VAL C 36 1.38 30.61 -2.68
C VAL C 36 1.09 32.11 -2.57
N VAL C 37 1.17 32.64 -1.34
CA VAL C 37 0.91 34.06 -1.08
C VAL C 37 2.19 34.86 -0.83
N ASP C 38 2.61 35.68 -1.80
CA ASP C 38 3.85 36.46 -1.73
C ASP C 38 3.59 37.96 -1.44
N LEU C 39 3.87 38.38 -0.21
CA LEU C 39 3.54 39.75 0.23
C LEU C 39 4.38 40.87 -0.42
N ALA C 40 5.58 40.53 -0.87
CA ALA C 40 6.48 41.51 -1.49
C ALA C 40 7.19 40.94 -2.71
N PRO C 41 6.47 40.79 -3.82
CA PRO C 41 6.96 40.15 -5.06
C PRO C 41 8.28 40.73 -5.59
N SER C 42 9.22 39.85 -5.96
CA SER C 42 10.49 40.29 -6.53
C SER C 42 10.70 39.66 -7.91
N LYS C 43 11.58 40.24 -8.70
CA LYS C 43 11.88 39.74 -10.05
C LYS C 43 12.28 38.26 -9.99
N GLY C 44 11.68 37.46 -10.87
CA GLY C 44 11.89 36.02 -10.87
C GLY C 44 10.58 35.28 -10.66
N THR C 45 10.54 34.03 -11.13
CA THR C 45 9.31 33.25 -11.19
C THR C 45 9.23 32.23 -10.06
N VAL C 46 8.05 32.13 -9.47
CA VAL C 46 7.74 31.07 -8.51
C VAL C 46 7.37 29.79 -9.26
N GLN C 47 7.83 28.65 -8.74
CA GLN C 47 7.63 27.37 -9.42
C GLN C 47 6.83 26.44 -8.52
N LEU C 48 5.77 25.85 -9.07
CA LEU C 48 4.96 24.88 -8.36
C LEU C 48 5.04 23.53 -9.09
N THR C 49 5.64 22.54 -8.42
CA THR C 49 5.87 21.22 -9.03
C THR C 49 5.10 20.13 -8.29
N TRP C 50 4.37 19.32 -9.04
CA TRP C 50 3.50 18.31 -8.48
C TRP C 50 4.06 16.91 -8.59
N SER C 51 3.82 16.10 -7.57
CA SER C 51 4.27 14.71 -7.56
C SER C 51 3.38 13.92 -6.61
N ARG C 52 3.36 12.61 -6.84
CA ARG C 52 2.71 11.66 -5.95
C ARG C 52 3.75 10.99 -5.05
N ALA C 53 3.28 10.42 -3.93
CA ALA C 53 4.14 9.64 -3.03
C ALA C 53 4.43 8.25 -3.63
N SER C 54 3.48 7.73 -4.41
CA SER C 54 3.65 6.48 -5.15
C SER C 54 4.65 6.57 -6.29
N GLY C 55 4.99 7.78 -6.72
CA GLY C 55 5.91 7.97 -7.84
C GLY C 55 5.25 7.85 -9.21
N LYS C 56 3.93 7.77 -9.22
CA LYS C 56 3.18 7.62 -10.46
C LYS C 56 2.94 8.99 -11.13
N PRO C 57 2.52 8.98 -12.41
CA PRO C 57 2.43 10.24 -13.13
C PRO C 57 1.29 11.12 -12.63
N VAL C 58 1.57 12.42 -12.53
CA VAL C 58 0.54 13.39 -12.23
C VAL C 58 0.06 13.99 -13.55
N GLN C 59 -1.20 14.44 -13.57
CA GLN C 59 -1.79 15.05 -14.75
C GLN C 59 -1.26 16.47 -14.96
N HIS C 60 -1.69 17.11 -16.04
CA HIS C 60 -1.35 18.51 -16.30
C HIS C 60 -2.15 19.47 -15.42
N SER C 61 -1.43 20.24 -14.61
CA SER C 61 -2.06 21.20 -13.73
C SER C 61 -2.29 22.56 -14.40
N THR C 62 -3.05 23.41 -13.73
CA THR C 62 -3.39 24.73 -14.23
C THR C 62 -2.87 25.77 -13.24
N ARG C 63 -2.06 26.69 -13.75
CA ARG C 63 -1.42 27.71 -12.93
C ARG C 63 -2.18 29.01 -13.09
N LYS C 64 -2.26 29.76 -11.99
CA LYS C 64 -2.93 31.05 -11.99
C LYS C 64 -2.21 32.04 -11.07
N GLU C 65 -1.96 33.24 -11.60
CA GLU C 65 -1.29 34.32 -10.86
C GLU C 65 -2.15 35.56 -10.85
N GLU C 66 -2.25 36.20 -9.68
CA GLU C 66 -3.02 37.43 -9.56
C GLU C 66 -2.40 38.39 -8.55
N LYS C 67 -1.92 39.53 -9.03
CA LYS C 67 -1.42 40.57 -8.14
C LYS C 67 -2.60 41.24 -7.45
N GLN C 68 -2.56 41.29 -6.12
CA GLN C 68 -3.67 41.81 -5.33
C GLN C 68 -3.62 43.33 -5.14
N ARG C 69 -4.68 43.88 -4.53
CA ARG C 69 -4.79 45.32 -4.32
C ARG C 69 -3.74 45.86 -3.36
N ASN C 70 -3.35 45.02 -2.39
CA ASN C 70 -2.32 45.38 -1.42
C ASN C 70 -0.88 45.15 -1.92
N GLY C 71 -0.74 44.67 -3.16
CA GLY C 71 0.58 44.44 -3.74
C GLY C 71 1.07 43.01 -3.60
N THR C 72 0.28 42.18 -2.94
CA THR C 72 0.61 40.75 -2.77
C THR C 72 0.38 40.00 -4.09
N LEU C 73 1.35 39.17 -4.48
CA LEU C 73 1.18 38.27 -5.61
C LEU C 73 0.72 36.90 -5.12
N THR C 74 -0.48 36.49 -5.55
CA THR C 74 -1.00 35.17 -5.24
C THR C 74 -0.78 34.20 -6.42
N VAL C 75 -0.12 33.07 -6.16
CA VAL C 75 0.12 32.07 -7.20
C VAL C 75 -0.50 30.72 -6.82
N THR C 76 -1.42 30.23 -7.64
CA THR C 76 -2.07 28.94 -7.39
C THR C 76 -1.82 28.01 -8.56
N SER C 77 -1.73 26.71 -8.25
CA SER C 77 -1.70 25.66 -9.24
C SER C 77 -2.77 24.62 -8.89
N THR C 78 -3.66 24.31 -9.84
CA THR C 78 -4.74 23.32 -9.65
C THR C 78 -4.47 22.01 -10.40
N LEU C 79 -4.34 20.92 -9.66
CA LEU C 79 -4.02 19.62 -10.26
C LEU C 79 -5.25 18.71 -10.21
N PRO C 80 -5.72 18.23 -11.38
CA PRO C 80 -6.78 17.25 -11.35
C PRO C 80 -6.25 15.90 -10.87
N VAL C 81 -6.95 15.24 -9.96
CA VAL C 81 -6.55 13.96 -9.42
C VAL C 81 -7.58 12.92 -9.80
N GLY C 82 -7.16 11.66 -9.84
CA GLY C 82 -8.09 10.57 -10.14
C GLY C 82 -8.98 10.29 -8.94
N THR C 83 -10.24 9.97 -9.21
CA THR C 83 -11.25 9.76 -8.17
C THR C 83 -10.89 8.54 -7.32
N ARG C 84 -10.47 7.45 -7.97
CA ARG C 84 -10.03 6.24 -7.28
C ARG C 84 -8.68 6.43 -6.56
N ASP C 85 -7.76 7.13 -7.22
CA ASP C 85 -6.44 7.43 -6.65
C ASP C 85 -6.57 8.17 -5.32
N TRP C 86 -7.48 9.16 -5.27
CA TRP C 86 -7.71 9.95 -4.07
C TRP C 86 -8.48 9.21 -2.98
N ILE C 87 -9.58 8.57 -3.38
CA ILE C 87 -10.44 7.83 -2.47
C ILE C 87 -9.69 6.66 -1.83
N GLU C 88 -8.73 6.08 -2.54
CA GLU C 88 -7.95 4.94 -2.04
C GLU C 88 -6.66 5.34 -1.33
N GLY C 89 -6.52 6.63 -1.04
CA GLY C 89 -5.49 7.13 -0.13
C GLY C 89 -4.17 7.56 -0.76
N GLU C 90 -4.21 8.07 -1.98
CA GLU C 90 -2.98 8.52 -2.63
C GLU C 90 -2.54 9.85 -2.00
N THR C 91 -1.23 10.04 -1.90
CA THR C 91 -0.67 11.30 -1.41
C THR C 91 -0.01 12.11 -2.51
N TYR C 92 -0.38 13.39 -2.58
CA TYR C 92 0.12 14.30 -3.59
C TYR C 92 0.96 15.40 -2.92
N GLN C 93 2.09 15.74 -3.54
CA GLN C 93 2.99 16.73 -2.97
C GLN C 93 3.18 17.92 -3.90
N CYS C 94 3.12 19.12 -3.32
CA CYS C 94 3.46 20.36 -4.00
C CYS C 94 4.78 20.93 -3.47
N ARG C 95 5.74 21.13 -4.38
CA ARG C 95 6.98 21.80 -4.05
C ARG C 95 7.01 23.23 -4.63
N VAL C 96 7.44 24.19 -3.81
CA VAL C 96 7.55 25.58 -4.25
C VAL C 96 9.01 26.06 -4.31
N THR C 97 9.36 26.76 -5.40
CA THR C 97 10.71 27.30 -5.57
C THR C 97 10.66 28.79 -5.94
N HIS C 98 10.73 29.64 -4.92
CA HIS C 98 10.81 31.09 -5.10
C HIS C 98 12.26 31.45 -5.51
N PRO C 99 12.42 32.51 -6.32
CA PRO C 99 13.77 32.92 -6.73
C PRO C 99 14.61 33.48 -5.59
N HIS C 100 13.95 33.85 -4.49
CA HIS C 100 14.61 34.40 -3.32
C HIS C 100 14.16 33.70 -2.04
N LEU C 101 14.20 32.37 -2.03
CA LEU C 101 14.02 31.60 -0.80
C LEU C 101 15.14 30.58 -0.65
N PRO C 102 15.65 30.41 0.58
CA PRO C 102 16.77 29.48 0.84
C PRO C 102 16.38 28.01 0.69
N ARG C 103 15.26 27.62 1.32
CA ARG C 103 14.78 26.25 1.22
C ARG C 103 13.41 26.19 0.54
N ALA C 104 13.26 25.25 -0.39
CA ALA C 104 12.02 25.05 -1.11
C ALA C 104 10.95 24.53 -0.15
N LEU C 105 9.76 25.15 -0.21
CA LEU C 105 8.63 24.76 0.64
C LEU C 105 7.97 23.48 0.12
N MET C 106 7.62 22.59 1.05
CA MET C 106 6.97 21.33 0.70
C MET C 106 5.61 21.22 1.38
N ARG C 107 4.59 20.96 0.57
CA ARG C 107 3.24 20.74 1.06
C ARG C 107 2.76 19.40 0.50
N SER C 108 2.11 18.61 1.35
CA SER C 108 1.54 17.34 0.92
C SER C 108 0.06 17.23 1.36
N THR C 109 -0.73 16.48 0.60
CA THR C 109 -2.15 16.32 0.88
C THR C 109 -2.61 14.89 0.59
N THR C 110 -3.65 14.46 1.30
CA THR C 110 -4.12 13.08 1.23
C THR C 110 -5.51 12.99 1.84
N LYS C 111 -6.25 11.95 1.46
CA LYS C 111 -7.57 11.68 1.99
C LYS C 111 -7.53 11.56 3.51
N THR C 112 -8.32 12.38 4.19
CA THR C 112 -8.49 12.29 5.65
C THR C 112 -9.38 11.12 6.03
N SER C 113 -8.86 10.20 6.84
CA SER C 113 -9.57 8.95 7.15
C SER C 113 -9.66 8.62 8.63
N GLY C 114 -10.56 9.31 9.33
CA GLY C 114 -10.90 8.98 10.70
C GLY C 114 -12.26 8.30 10.75
N PRO C 115 -12.97 8.43 11.88
CA PRO C 115 -14.36 8.01 11.92
C PRO C 115 -15.21 8.85 10.95
N ARG C 116 -16.30 8.27 10.45
CA ARG C 116 -17.23 8.96 9.55
C ARG C 116 -18.55 9.23 10.24
N ALA C 117 -19.23 10.31 9.87
CA ALA C 117 -20.59 10.58 10.36
C ALA C 117 -21.28 11.58 9.43
N ALA C 118 -22.53 11.28 9.07
CA ALA C 118 -23.30 12.07 8.12
C ALA C 118 -23.75 13.37 8.77
N PRO C 119 -23.81 14.46 7.96
CA PRO C 119 -24.29 15.70 8.51
C PRO C 119 -25.81 15.69 8.76
N GLU C 120 -26.21 16.39 9.80
CA GLU C 120 -27.57 16.88 9.95
C GLU C 120 -27.67 18.29 9.33
N VAL C 121 -28.73 18.52 8.57
CA VAL C 121 -29.01 19.81 7.91
C VAL C 121 -30.33 20.43 8.37
N TYR C 122 -30.26 21.69 8.82
CA TYR C 122 -31.42 22.45 9.28
C TYR C 122 -31.42 23.83 8.62
N ALA C 123 -32.57 24.21 8.08
CA ALA C 123 -32.67 25.44 7.32
C ALA C 123 -33.72 26.35 7.93
N PHE C 124 -33.38 27.64 8.01
CA PHE C 124 -34.25 28.61 8.65
C PHE C 124 -34.37 29.86 7.79
N ALA C 125 -35.51 30.54 7.92
CA ALA C 125 -35.71 31.86 7.32
C ALA C 125 -36.02 32.85 8.44
N THR C 126 -35.47 34.06 8.36
CA THR C 126 -35.79 35.11 9.32
C THR C 126 -37.26 35.50 9.13
N PRO C 127 -37.95 35.89 10.21
CA PRO C 127 -39.34 36.27 10.13
C PRO C 127 -39.55 37.60 9.41
N GLU C 128 -40.78 37.84 8.97
CA GLU C 128 -41.17 39.08 8.34
C GLU C 128 -41.36 40.18 9.39
N TRP C 129 -40.44 41.14 9.40
CA TRP C 129 -40.56 42.32 10.26
C TRP C 129 -41.14 43.45 9.43
N PRO C 130 -42.17 44.11 9.96
CA PRO C 130 -42.78 45.18 9.20
C PRO C 130 -41.78 46.29 8.87
N GLY C 131 -41.82 46.75 7.63
CA GLY C 131 -40.96 47.83 7.15
C GLY C 131 -39.98 47.33 6.10
N SER C 132 -39.75 46.02 6.08
CA SER C 132 -38.79 45.42 5.14
C SER C 132 -39.29 44.07 4.61
N ARG C 133 -40.08 44.14 3.55
CA ARG C 133 -40.76 42.96 3.01
C ARG C 133 -40.23 42.61 1.61
N ASP C 134 -39.07 43.19 1.26
CA ASP C 134 -38.45 43.04 -0.04
C ASP C 134 -37.22 42.11 0.01
N LYS C 135 -36.75 41.81 1.21
CA LYS C 135 -35.61 40.93 1.41
C LYS C 135 -35.75 40.09 2.66
N ARG C 136 -35.13 38.90 2.66
CA ARG C 136 -35.05 38.02 3.83
C ARG C 136 -33.68 37.40 3.94
N THR C 137 -33.34 36.90 5.12
CA THR C 137 -32.10 36.18 5.31
C THR C 137 -32.42 34.71 5.64
N LEU C 138 -31.86 33.80 4.85
CA LEU C 138 -31.94 32.38 5.12
C LEU C 138 -30.69 31.91 5.82
N ALA C 139 -30.87 30.95 6.72
CA ALA C 139 -29.79 30.39 7.53
C ALA C 139 -29.85 28.87 7.46
N CYS C 140 -28.67 28.26 7.42
CA CYS C 140 -28.54 26.82 7.41
C CYS C 140 -27.52 26.41 8.47
N LEU C 141 -27.88 25.42 9.29
CA LEU C 141 -26.95 24.75 10.20
C LEU C 141 -26.70 23.31 9.73
N ILE C 142 -25.44 23.02 9.38
CA ILE C 142 -24.95 21.69 9.05
C ILE C 142 -24.04 21.23 10.20
N GLN C 143 -24.39 20.10 10.83
CA GLN C 143 -23.72 19.68 12.07
C GLN C 143 -23.59 18.18 12.24
N ASN C 144 -22.66 17.82 13.13
CA ASN C 144 -22.38 16.47 13.59
C ASN C 144 -21.87 15.57 12.47
N PHE C 145 -21.02 16.14 11.60
CA PHE C 145 -20.38 15.39 10.54
C PHE C 145 -18.90 15.22 10.82
N MET C 146 -18.35 14.14 10.31
CA MET C 146 -16.92 13.94 10.33
C MET C 146 -16.56 13.04 9.15
N PRO C 147 -15.40 13.28 8.53
CA PRO C 147 -14.46 14.38 8.83
C PRO C 147 -15.03 15.77 8.45
N GLU C 148 -14.19 16.79 8.57
CA GLU C 148 -14.61 18.18 8.40
C GLU C 148 -14.87 18.69 6.99
N ASP C 149 -14.43 17.94 5.98
CA ASP C 149 -14.62 18.29 4.57
C ASP C 149 -16.06 18.22 4.11
N ILE C 150 -16.63 19.37 3.80
CA ILE C 150 -18.01 19.46 3.39
C ILE C 150 -18.19 20.58 2.35
N SER C 151 -19.08 20.35 1.38
CA SER C 151 -19.44 21.36 0.41
C SER C 151 -20.87 21.81 0.72
N VAL C 152 -21.07 23.12 0.91
CA VAL C 152 -22.41 23.65 1.18
C VAL C 152 -22.85 24.41 -0.06
N GLN C 153 -24.08 24.18 -0.49
CA GLN C 153 -24.61 24.98 -1.57
C GLN C 153 -26.10 25.26 -1.36
N TRP C 154 -26.57 26.35 -1.96
CA TRP C 154 -27.97 26.66 -1.94
C TRP C 154 -28.56 26.49 -3.33
N LEU C 155 -29.79 26.01 -3.38
CA LEU C 155 -30.47 25.80 -4.63
C LEU C 155 -31.77 26.55 -4.68
N HIS C 156 -32.05 27.14 -5.83
CA HIS C 156 -33.35 27.75 -6.09
C HIS C 156 -33.80 27.32 -7.48
N ASN C 157 -35.07 26.97 -7.66
CA ASN C 157 -35.55 26.39 -8.93
C ASN C 157 -34.66 25.28 -9.46
N GLU C 158 -34.29 24.36 -8.59
CA GLU C 158 -33.57 23.17 -9.01
C GLU C 158 -32.09 23.48 -9.28
N VAL C 159 -31.79 24.75 -9.54
CA VAL C 159 -30.42 25.14 -9.86
C VAL C 159 -29.62 25.70 -8.67
N GLN C 160 -28.36 25.29 -8.61
CA GLN C 160 -27.43 25.86 -7.68
C GLN C 160 -27.18 27.35 -7.90
N LEU C 161 -27.35 28.14 -6.85
CA LEU C 161 -27.05 29.57 -6.88
C LEU C 161 -25.53 29.77 -6.90
N PRO C 162 -25.06 30.94 -7.40
CA PRO C 162 -23.64 31.28 -7.36
C PRO C 162 -23.06 31.24 -5.94
N ASP C 163 -21.81 30.80 -5.82
CA ASP C 163 -21.15 30.69 -4.53
C ASP C 163 -20.97 32.05 -3.85
N ALA C 164 -20.86 33.11 -4.64
CA ALA C 164 -20.72 34.48 -4.10
C ALA C 164 -21.96 34.93 -3.33
N ARG C 165 -23.09 34.28 -3.63
CA ARG C 165 -24.37 34.60 -3.02
C ARG C 165 -24.46 34.31 -1.52
N HIS C 166 -23.85 33.22 -1.06
CA HIS C 166 -23.90 32.83 0.32
C HIS C 166 -22.55 32.96 1.00
N SER C 167 -22.59 32.89 2.32
CA SER C 167 -21.41 32.97 3.15
C SER C 167 -21.45 31.79 4.13
N THR C 168 -20.49 30.88 3.97
CA THR C 168 -20.37 29.70 4.81
C THR C 168 -19.20 29.77 5.80
N THR C 169 -19.50 29.51 7.06
CA THR C 169 -18.46 29.52 8.09
C THR C 169 -17.50 28.35 7.91
N GLN C 170 -16.34 28.47 8.55
CA GLN C 170 -15.34 27.43 8.52
C GLN C 170 -15.69 26.37 9.59
N PRO C 171 -15.43 25.09 9.29
CA PRO C 171 -15.79 24.01 10.22
C PRO C 171 -15.25 24.19 11.64
N ARG C 172 -16.17 24.23 12.61
CA ARG C 172 -15.83 24.26 14.03
C ARG C 172 -16.22 22.94 14.69
N LYS C 173 -15.63 22.67 15.86
CA LYS C 173 -15.95 21.47 16.63
C LYS C 173 -17.22 21.63 17.46
N THR C 174 -18.09 20.63 17.38
CA THR C 174 -19.27 20.57 18.23
C THR C 174 -18.82 20.19 19.65
N LYS C 175 -19.78 20.00 20.56
CA LYS C 175 -19.49 19.54 21.93
C LYS C 175 -19.05 18.07 21.92
N GLY C 176 -19.45 17.34 20.89
CA GLY C 176 -18.96 15.99 20.66
C GLY C 176 -17.71 16.01 19.79
N SER C 177 -17.62 15.04 18.89
CA SER C 177 -16.44 14.89 18.04
C SER C 177 -16.62 15.41 16.60
N GLY C 178 -17.87 15.68 16.22
CA GLY C 178 -18.16 16.13 14.87
C GLY C 178 -17.98 17.62 14.67
N PHE C 179 -18.08 18.05 13.42
CA PHE C 179 -17.98 19.45 13.09
C PHE C 179 -19.33 20.09 12.75
N PHE C 180 -19.35 21.42 12.68
CA PHE C 180 -20.53 22.15 12.25
C PHE C 180 -20.10 23.34 11.43
N VAL C 181 -21.00 23.77 10.55
CA VAL C 181 -20.81 24.95 9.72
C VAL C 181 -22.17 25.66 9.66
N PHE C 182 -22.09 26.99 9.53
CA PHE C 182 -23.25 27.84 9.26
C PHE C 182 -23.14 28.48 7.85
N SER C 183 -24.27 28.61 7.19
CA SER C 183 -24.35 29.30 5.90
C SER C 183 -25.45 30.35 5.91
N ARG C 184 -25.16 31.51 5.33
CA ARG C 184 -26.08 32.66 5.28
C ARG C 184 -26.35 33.09 3.84
N LEU C 185 -27.64 33.23 3.50
CA LEU C 185 -28.08 33.59 2.17
C LEU C 185 -29.18 34.65 2.24
N GLU C 186 -28.84 35.86 1.80
CA GLU C 186 -29.83 36.89 1.55
C GLU C 186 -30.58 36.60 0.25
N VAL C 187 -31.91 36.53 0.36
CA VAL C 187 -32.79 36.30 -0.78
C VAL C 187 -33.64 37.54 -1.06
N THR C 188 -33.96 37.72 -2.34
CA THR C 188 -34.80 38.85 -2.76
C THR C 188 -36.26 38.39 -2.88
N ARG C 189 -37.16 39.36 -2.80
CA ARG C 189 -38.58 39.12 -2.96
C ARG C 189 -38.94 38.58 -4.36
N ALA C 190 -38.14 38.95 -5.38
CA ALA C 190 -38.36 38.47 -6.75
C ALA C 190 -38.08 36.97 -6.86
N GLU C 191 -37.21 36.46 -5.99
CA GLU C 191 -36.90 35.03 -5.90
C GLU C 191 -37.99 34.21 -5.26
N TRP C 192 -38.40 34.54 -4.06
CA TRP C 192 -39.41 33.73 -3.39
C TRP C 192 -40.80 33.84 -4.02
N GLU C 193 -41.04 34.91 -4.75
CA GLU C 193 -42.28 35.08 -5.52
C GLU C 193 -42.31 34.19 -6.76
N GLN C 194 -41.17 34.08 -7.41
CA GLN C 194 -41.01 33.16 -8.51
C GLN C 194 -41.15 31.72 -8.03
N LYS C 195 -40.39 31.36 -7.00
CA LYS C 195 -40.52 30.06 -6.33
C LYS C 195 -40.10 30.09 -4.85
N ASP C 196 -41.05 29.85 -3.94
CA ASP C 196 -40.80 30.00 -2.50
C ASP C 196 -40.32 28.67 -1.89
N GLU C 197 -39.10 28.28 -2.25
CA GLU C 197 -38.47 27.09 -1.73
C GLU C 197 -36.99 27.30 -1.98
N PHE C 198 -36.21 27.20 -0.90
CA PHE C 198 -34.76 27.35 -0.98
C PHE C 198 -34.17 26.13 -0.30
N ILE C 199 -33.30 25.43 -1.02
CA ILE C 199 -32.71 24.24 -0.50
C ILE C 199 -31.26 24.45 -0.08
N CYS C 200 -30.96 24.15 1.18
CA CYS C 200 -29.59 24.04 1.63
C CYS C 200 -29.12 22.58 1.54
N ARG C 201 -28.07 22.36 0.76
CA ARG C 201 -27.59 21.02 0.50
C ARG C 201 -26.13 20.89 0.91
N ALA C 202 -25.82 19.80 1.63
CA ALA C 202 -24.46 19.48 2.01
C ALA C 202 -24.00 18.23 1.25
N VAL C 203 -22.81 18.33 0.68
CA VAL C 203 -22.15 17.18 0.08
C VAL C 203 -21.06 16.70 1.02
N HIS C 204 -21.16 15.44 1.39
CA HIS C 204 -20.32 14.86 2.42
C HIS C 204 -20.14 13.36 2.24
N GLU C 205 -18.90 12.95 2.46
CA GLU C 205 -18.41 11.60 2.29
C GLU C 205 -19.18 10.52 3.04
N ALA C 206 -19.74 10.86 4.20
CA ALA C 206 -20.43 9.92 5.06
C ALA C 206 -21.94 9.85 4.81
N ALA C 207 -22.47 10.74 3.96
CA ALA C 207 -23.92 10.79 3.69
C ALA C 207 -24.40 9.80 2.63
N SER C 208 -24.11 8.52 2.85
CA SER C 208 -24.41 7.46 1.89
C SER C 208 -25.91 7.18 1.82
N PRO C 209 -26.41 6.70 0.66
CA PRO C 209 -25.65 6.36 -0.55
C PRO C 209 -25.38 7.49 -1.55
N SER C 210 -26.01 8.66 -1.41
CA SER C 210 -25.92 9.72 -2.43
C SER C 210 -24.86 10.76 -2.12
N GLN C 211 -24.23 10.66 -0.96
CA GLN C 211 -23.21 11.63 -0.54
C GLN C 211 -23.80 13.03 -0.36
N THR C 212 -25.10 13.10 -0.06
CA THR C 212 -25.85 14.34 -0.07
C THR C 212 -26.92 14.32 1.03
N VAL C 213 -27.09 15.45 1.71
CA VAL C 213 -28.16 15.66 2.67
C VAL C 213 -28.60 17.10 2.41
N GLN C 214 -29.91 17.32 2.32
CA GLN C 214 -30.42 18.66 2.09
C GLN C 214 -31.65 18.93 2.94
N ARG C 215 -31.99 20.21 3.02
CA ARG C 215 -33.18 20.66 3.71
C ARG C 215 -33.70 21.91 3.02
N ALA C 216 -34.99 21.92 2.67
CA ALA C 216 -35.69 23.06 2.10
C ALA C 216 -36.29 23.97 3.18
N VAL C 217 -36.39 25.25 2.86
CA VAL C 217 -37.07 26.23 3.69
C VAL C 217 -37.83 27.24 2.81
N SER C 218 -39.00 27.64 3.27
CA SER C 218 -39.80 28.61 2.57
C SER C 218 -39.75 29.93 3.34
N VAL C 219 -39.72 31.02 2.59
CA VAL C 219 -39.81 32.36 3.17
C VAL C 219 -41.23 32.62 3.65
N ASN C 220 -42.21 32.16 2.88
CA ASN C 220 -43.62 32.53 3.06
C ASN C 220 -43.80 34.04 2.92
#